data_5JPH
#
_entry.id   5JPH
#
_cell.length_a   50.088
_cell.length_b   93.821
_cell.length_c   68.910
_cell.angle_alpha   90.000
_cell.angle_beta   97.150
_cell.angle_gamma   90.000
#
_symmetry.space_group_name_H-M   'P 1 21 1'
#
loop_
_entity.id
_entity.type
_entity.pdbx_description
1 polymer 'Acetyltransferase SACOL1063'
2 non-polymer 'COENZYME A'
3 non-polymer 'CHLORIDE ION'
4 water water
#
_entity_poly.entity_id   1
_entity_poly.type   'polypeptide(L)'
_entity_poly.pdbx_seq_one_letter_code
;SNA(MSE)FSKVNNQK(MSE)LEDCFYIRKKVFVEEQGIPEESEIDEYESESIHLIGYDNGQPVATARIRPINETTVKIE
RVAV(MSE)KSHRGQG(MSE)GR(MSE)L(MSE)QAVESLAKDEGFYVAT(MSE)NAQCHAIPFYESLNFK(MSE)RGNI
FLEEGIEHIE(MSE)TKKLT
;
_entity_poly.pdbx_strand_id   A,B,C
#
# COMPACT_ATOMS: atom_id res chain seq x y z
N ALA A 3 -11.74 -31.75 -10.15
CA ALA A 3 -10.61 -31.75 -11.12
C ALA A 3 -10.35 -30.36 -11.69
N PHE A 5 -11.80 -27.44 -10.93
CA PHE A 5 -12.02 -26.31 -10.06
C PHE A 5 -11.31 -26.51 -8.74
N SER A 6 -10.69 -25.44 -8.26
CA SER A 6 -9.95 -25.46 -7.00
C SER A 6 -10.50 -24.42 -6.04
N LYS A 7 -10.51 -24.78 -4.76
CA LYS A 7 -10.78 -23.81 -3.69
C LYS A 7 -9.66 -22.76 -3.66
N VAL A 8 -10.06 -21.50 -3.70
CA VAL A 8 -9.13 -20.37 -3.65
C VAL A 8 -8.46 -20.36 -2.28
N ASN A 9 -7.12 -20.34 -2.28
CA ASN A 9 -6.34 -20.38 -1.05
C ASN A 9 -5.19 -19.40 -0.99
N ASN A 10 -5.16 -18.44 -1.91
CA ASN A 10 -4.17 -17.36 -1.89
C ASN A 10 -4.70 -16.13 -2.63
N GLN A 11 -3.95 -15.04 -2.53
CA GLN A 11 -4.41 -13.76 -3.09
C GLN A 11 -4.42 -13.76 -4.63
N LYS A 12 -3.46 -14.45 -5.25
CA LYS A 12 -3.42 -14.54 -6.70
CA LYS A 12 -3.41 -14.55 -6.71
C LYS A 12 -4.68 -15.21 -7.25
N LEU A 14 -7.54 -15.46 -5.72
CA LEU A 14 -8.69 -14.57 -5.46
C LEU A 14 -8.78 -13.46 -6.52
N GLU A 15 -7.64 -12.86 -6.84
CA GLU A 15 -7.64 -11.84 -7.89
C GLU A 15 -8.00 -12.38 -9.27
N ASP A 16 -7.70 -13.65 -9.51
CA ASP A 16 -8.19 -14.30 -10.73
C ASP A 16 -9.71 -14.37 -10.77
N CYS A 17 -10.33 -14.65 -9.61
CA CYS A 17 -11.78 -14.58 -9.51
C CYS A 17 -12.29 -13.17 -9.84
N PHE A 18 -11.66 -12.18 -9.23
CA PHE A 18 -12.05 -10.78 -9.46
C PHE A 18 -11.94 -10.40 -10.94
N TYR A 19 -10.92 -10.93 -11.61
CA TYR A 19 -10.72 -10.66 -13.04
C TYR A 19 -11.91 -11.14 -13.88
N ILE A 20 -12.31 -12.38 -13.65
CA ILE A 20 -13.43 -12.96 -14.37
C ILE A 20 -14.71 -12.17 -14.03
N ARG A 21 -14.89 -11.88 -12.76
CA ARG A 21 -16.08 -11.13 -12.32
C ARG A 21 -16.16 -9.75 -12.94
N LYS A 22 -15.03 -9.07 -13.05
CA LYS A 22 -15.04 -7.77 -13.71
C LYS A 22 -15.39 -7.90 -15.20
N LYS A 23 -14.78 -8.89 -15.87
CA LYS A 23 -15.04 -9.08 -17.31
CA LYS A 23 -15.05 -9.08 -17.31
C LYS A 23 -16.53 -9.36 -17.56
N VAL A 24 -17.10 -10.21 -16.70
CA VAL A 24 -18.49 -10.68 -16.91
C VAL A 24 -19.52 -9.73 -16.34
N PHE A 25 -19.44 -9.46 -15.04
CA PHE A 25 -20.51 -8.67 -14.40
C PHE A 25 -20.40 -7.19 -14.73
N VAL A 26 -19.19 -6.66 -14.77
CA VAL A 26 -19.00 -5.22 -14.97
C VAL A 26 -18.98 -4.88 -16.45
N GLU A 27 -18.00 -5.42 -17.18
CA GLU A 27 -17.84 -5.03 -18.57
C GLU A 27 -18.99 -5.53 -19.46
N GLU A 28 -19.38 -6.78 -19.28
CA GLU A 28 -20.42 -7.38 -20.12
C GLU A 28 -21.82 -7.02 -19.64
N GLN A 29 -22.09 -7.18 -18.35
CA GLN A 29 -23.47 -7.01 -17.81
C GLN A 29 -23.77 -5.64 -17.22
N GLY A 30 -22.76 -4.78 -17.10
CA GLY A 30 -22.98 -3.40 -16.70
C GLY A 30 -23.17 -3.09 -15.23
N ILE A 31 -22.82 -4.05 -14.37
CA ILE A 31 -22.79 -3.79 -12.93
C ILE A 31 -21.75 -2.67 -12.72
N PRO A 32 -22.08 -1.64 -11.91
CA PRO A 32 -21.08 -0.62 -11.64
C PRO A 32 -19.81 -1.22 -11.05
N GLU A 33 -18.65 -0.81 -11.55
CA GLU A 33 -17.41 -1.44 -11.11
C GLU A 33 -17.22 -1.36 -9.61
N GLU A 34 -17.59 -0.23 -9.00
N GLU A 34 -17.58 -0.23 -9.00
CA GLU A 34 -17.38 -0.05 -7.55
CA GLU A 34 -17.36 -0.05 -7.55
C GLU A 34 -18.22 -1.00 -6.69
C GLU A 34 -18.22 -0.98 -6.69
N SER A 35 -19.25 -1.59 -7.29
CA SER A 35 -20.13 -2.54 -6.58
C SER A 35 -19.74 -4.00 -6.74
N GLU A 36 -18.79 -4.28 -7.63
CA GLU A 36 -18.46 -5.68 -7.93
C GLU A 36 -17.86 -6.41 -6.72
N ILE A 37 -16.85 -5.80 -6.14
CA ILE A 37 -16.20 -6.31 -4.97
C ILE A 37 -16.88 -5.71 -3.76
N ASP A 38 -17.25 -6.57 -2.82
CA ASP A 38 -17.97 -6.11 -1.62
C ASP A 38 -17.21 -6.45 -0.35
N GLU A 39 -17.86 -6.27 0.81
CA GLU A 39 -17.21 -6.49 2.10
C GLU A 39 -17.23 -7.94 2.56
N TYR A 40 -17.68 -8.85 1.69
CA TYR A 40 -17.89 -10.26 2.06
C TYR A 40 -16.89 -11.19 1.41
N GLU A 41 -15.88 -10.65 0.74
CA GLU A 41 -14.93 -11.52 0.02
C GLU A 41 -14.15 -12.42 0.99
N SER A 42 -13.76 -11.85 2.14
CA SER A 42 -12.97 -12.59 3.11
C SER A 42 -13.74 -13.73 3.77
N GLU A 43 -15.02 -13.52 4.06
CA GLU A 43 -15.79 -14.54 4.75
C GLU A 43 -16.33 -15.62 3.82
N SER A 44 -16.32 -15.31 2.53
CA SER A 44 -16.79 -16.24 1.52
C SER A 44 -15.69 -17.23 1.14
N ILE A 45 -16.11 -18.34 0.53
CA ILE A 45 -15.23 -19.37 0.02
C ILE A 45 -15.38 -19.32 -1.50
N HIS A 46 -14.26 -19.25 -2.20
CA HIS A 46 -14.27 -19.01 -3.63
C HIS A 46 -13.70 -20.21 -4.39
N LEU A 47 -14.25 -20.43 -5.59
CA LEU A 47 -13.77 -21.47 -6.52
C LEU A 47 -13.26 -20.81 -7.78
N ILE A 48 -12.20 -21.40 -8.34
CA ILE A 48 -11.60 -20.90 -9.59
C ILE A 48 -11.26 -22.07 -10.51
N GLY A 49 -11.51 -21.88 -11.81
CA GLY A 49 -11.17 -22.84 -12.87
C GLY A 49 -10.33 -22.18 -13.91
N TYR A 50 -9.36 -22.93 -14.46
CA TYR A 50 -8.41 -22.46 -15.43
C TYR A 50 -8.47 -23.26 -16.73
N ASP A 51 -8.16 -22.58 -17.83
CA ASP A 51 -7.93 -23.24 -19.13
C ASP A 51 -6.79 -22.52 -19.85
N ASN A 52 -5.84 -23.22 -20.44
CA ASN A 52 -4.62 -22.58 -20.99
C ASN A 52 -3.88 -21.71 -19.98
N GLY A 53 -3.94 -22.12 -18.72
CA GLY A 53 -3.28 -21.41 -17.62
C GLY A 53 -3.93 -20.10 -17.24
N GLN A 54 -5.13 -19.86 -17.74
N GLN A 54 -5.11 -19.83 -17.78
CA GLN A 54 -5.81 -18.59 -17.57
CA GLN A 54 -5.82 -18.57 -17.60
C GLN A 54 -7.17 -18.77 -16.89
C GLN A 54 -7.16 -18.79 -16.87
N PRO A 55 -7.55 -17.82 -16.04
CA PRO A 55 -8.80 -17.98 -15.29
C PRO A 55 -10.02 -17.87 -16.18
N VAL A 56 -10.88 -18.87 -16.12
CA VAL A 56 -12.09 -18.89 -16.99
C VAL A 56 -13.44 -19.07 -16.29
N ALA A 57 -13.44 -19.49 -15.03
CA ALA A 57 -14.72 -19.68 -14.31
C ALA A 57 -14.55 -19.49 -12.83
N THR A 58 -15.57 -18.92 -12.19
CA THR A 58 -15.54 -18.69 -10.77
C THR A 58 -16.94 -18.67 -10.16
N ALA A 59 -16.98 -18.87 -8.86
CA ALA A 59 -18.18 -18.59 -8.03
C ALA A 59 -17.72 -18.42 -6.61
N ARG A 60 -18.61 -17.89 -5.79
CA ARG A 60 -18.34 -17.85 -4.36
C ARG A 60 -19.51 -18.40 -3.57
N ILE A 61 -19.16 -18.94 -2.42
N ILE A 61 -19.17 -18.98 -2.43
CA ILE A 61 -20.09 -19.48 -1.45
CA ILE A 61 -20.20 -19.43 -1.46
C ILE A 61 -19.99 -18.58 -0.20
C ILE A 61 -20.01 -18.60 -0.19
N ARG A 62 -21.11 -17.98 0.20
CA ARG A 62 -21.12 -17.06 1.33
C ARG A 62 -22.03 -17.63 2.41
N PRO A 63 -21.44 -18.09 3.52
CA PRO A 63 -22.28 -18.59 4.60
C PRO A 63 -23.18 -17.49 5.17
N ILE A 64 -24.47 -17.80 5.35
CA ILE A 64 -25.38 -16.85 6.00
C ILE A 64 -25.78 -17.26 7.41
N ASN A 65 -25.60 -18.54 7.71
CA ASN A 65 -25.82 -19.08 9.07
C ASN A 65 -25.10 -20.42 9.15
N GLU A 66 -25.37 -21.24 10.16
CA GLU A 66 -24.63 -22.49 10.31
C GLU A 66 -24.96 -23.56 9.27
N THR A 67 -26.12 -23.46 8.65
CA THR A 67 -26.57 -24.51 7.70
C THR A 67 -26.62 -24.10 6.25
N THR A 68 -26.63 -22.80 5.99
CA THR A 68 -27.05 -22.27 4.69
C THR A 68 -26.02 -21.36 4.10
N VAL A 69 -25.76 -21.57 2.80
CA VAL A 69 -24.90 -20.67 2.03
C VAL A 69 -25.68 -19.98 0.91
N LYS A 70 -25.21 -18.78 0.57
N LYS A 70 -25.22 -18.78 0.56
CA LYS A 70 -25.63 -18.09 -0.65
CA LYS A 70 -25.63 -18.08 -0.65
C LYS A 70 -24.59 -18.37 -1.72
C LYS A 70 -24.59 -18.37 -1.72
N ILE A 71 -25.05 -18.72 -2.92
CA ILE A 71 -24.15 -18.92 -4.05
C ILE A 71 -24.19 -17.61 -4.84
N GLU A 72 -23.02 -17.07 -5.12
CA GLU A 72 -22.91 -15.74 -5.71
C GLU A 72 -21.82 -15.73 -6.76
N ARG A 73 -21.86 -14.68 -7.60
CA ARG A 73 -20.77 -14.38 -8.55
C ARG A 73 -20.48 -15.55 -9.51
N VAL A 74 -21.52 -16.27 -9.91
CA VAL A 74 -21.35 -17.41 -10.82
C VAL A 74 -21.06 -16.89 -12.22
N ALA A 75 -19.89 -17.20 -12.73
CA ALA A 75 -19.46 -16.64 -14.02
C ALA A 75 -18.48 -17.52 -14.75
N VAL A 76 -18.75 -17.67 -16.04
CA VAL A 76 -17.84 -18.31 -16.96
C VAL A 76 -17.50 -17.28 -18.01
N LYS A 78 -17.00 -15.56 -21.44
CA LYS A 78 -17.84 -15.72 -22.63
C LYS A 78 -17.23 -16.72 -23.63
N SER A 79 -15.91 -16.63 -23.75
CA SER A 79 -15.11 -17.54 -24.60
C SER A 79 -15.30 -19.03 -24.31
N HIS A 80 -15.68 -19.37 -23.07
CA HIS A 80 -15.73 -20.76 -22.61
C HIS A 80 -17.13 -21.25 -22.26
N ARG A 81 -18.14 -20.48 -22.63
CA ARG A 81 -19.53 -20.87 -22.37
C ARG A 81 -20.01 -21.92 -23.36
N GLY A 82 -21.05 -22.63 -22.96
CA GLY A 82 -21.72 -23.59 -23.85
C GLY A 82 -20.95 -24.87 -24.08
N GLN A 83 -20.01 -25.18 -23.19
CA GLN A 83 -19.22 -26.41 -23.31
C GLN A 83 -19.20 -27.21 -22.01
N GLY A 84 -20.17 -26.95 -21.14
CA GLY A 84 -20.35 -27.71 -19.91
C GLY A 84 -19.58 -27.22 -18.69
N GLY A 86 -19.94 -24.34 -16.96
CA GLY A 86 -20.82 -23.82 -15.93
C GLY A 86 -21.42 -24.93 -15.11
N ARG A 87 -21.81 -26.01 -15.75
N ARG A 87 -21.82 -26.02 -15.75
CA ARG A 87 -22.34 -27.16 -15.05
CA ARG A 87 -22.35 -27.17 -15.04
C ARG A 87 -21.29 -27.76 -14.10
C ARG A 87 -21.30 -27.76 -14.09
N LEU A 89 -18.75 -26.21 -12.84
CA LEU A 89 -18.58 -25.19 -11.80
C LEU A 89 -19.61 -25.38 -10.70
N GLN A 91 -21.47 -27.97 -10.00
CA GLN A 91 -21.26 -29.24 -9.30
C GLN A 91 -20.16 -29.11 -8.25
N ALA A 92 -19.09 -28.41 -8.61
CA ALA A 92 -17.99 -28.14 -7.70
C ALA A 92 -18.40 -27.23 -6.55
N VAL A 93 -19.25 -26.24 -6.83
CA VAL A 93 -19.79 -25.36 -5.77
C VAL A 93 -20.57 -26.18 -4.75
N GLU A 94 -21.47 -27.02 -5.23
N GLU A 94 -21.46 -27.04 -5.23
CA GLU A 94 -22.32 -27.83 -4.33
CA GLU A 94 -22.29 -27.86 -4.35
C GLU A 94 -21.47 -28.75 -3.47
C GLU A 94 -21.42 -28.82 -3.50
N SER A 95 -20.49 -29.41 -4.11
N SER A 95 -20.42 -29.47 -4.13
CA SER A 95 -19.59 -30.33 -3.42
CA SER A 95 -19.52 -30.38 -3.43
C SER A 95 -18.75 -29.63 -2.35
C SER A 95 -18.73 -29.65 -2.36
N LEU A 96 -18.21 -28.47 -2.71
CA LEU A 96 -17.42 -27.68 -1.78
C LEU A 96 -18.26 -27.20 -0.59
N ALA A 97 -19.46 -26.72 -0.87
CA ALA A 97 -20.33 -26.25 0.21
C ALA A 97 -20.66 -27.38 1.18
N LYS A 98 -20.92 -28.56 0.65
CA LYS A 98 -21.18 -29.74 1.51
C LYS A 98 -19.94 -30.13 2.31
N ASP A 99 -18.78 -30.13 1.64
CA ASP A 99 -17.49 -30.40 2.33
C ASP A 99 -17.21 -29.42 3.46
N GLU A 100 -17.61 -28.17 3.25
CA GLU A 100 -17.41 -27.10 4.24
C GLU A 100 -18.41 -27.12 5.40
N GLY A 101 -19.35 -28.06 5.36
CA GLY A 101 -20.25 -28.34 6.48
C GLY A 101 -21.65 -27.77 6.38
N PHE A 102 -22.03 -27.34 5.18
CA PHE A 102 -23.36 -26.79 4.95
C PHE A 102 -24.34 -27.80 4.39
N TYR A 103 -25.61 -27.42 4.46
CA TYR A 103 -26.74 -28.33 4.12
C TYR A 103 -27.68 -27.83 3.05
N VAL A 104 -27.80 -26.51 2.91
N VAL A 104 -27.77 -26.51 2.90
CA VAL A 104 -28.74 -25.93 1.98
CA VAL A 104 -28.73 -25.86 2.04
C VAL A 104 -28.09 -24.69 1.33
C VAL A 104 -28.08 -24.70 1.33
N ALA A 105 -28.47 -24.46 0.09
CA ALA A 105 -28.00 -23.32 -0.70
C ALA A 105 -29.19 -22.53 -1.21
N THR A 106 -29.00 -21.21 -1.19
N THR A 106 -29.01 -21.20 -1.18
CA THR A 106 -29.91 -20.30 -1.85
CA THR A 106 -29.93 -20.30 -1.86
C THR A 106 -29.09 -19.39 -2.77
C THR A 106 -29.09 -19.39 -2.75
N ASN A 108 -29.70 -15.83 -5.64
CA ASN A 108 -30.54 -14.89 -6.40
C ASN A 108 -30.11 -15.03 -7.84
N ALA A 109 -30.77 -15.94 -8.55
CA ALA A 109 -30.39 -16.28 -9.93
C ALA A 109 -30.88 -15.26 -10.91
N GLN A 110 -30.06 -14.89 -11.87
CA GLN A 110 -30.57 -14.11 -13.00
C GLN A 110 -31.57 -14.98 -13.78
N CYS A 111 -32.69 -14.39 -14.16
CA CYS A 111 -33.77 -15.15 -14.77
C CYS A 111 -33.35 -15.88 -16.03
N HIS A 112 -32.42 -15.30 -16.83
CA HIS A 112 -32.01 -16.01 -18.06
C HIS A 112 -31.40 -17.37 -17.79
N ALA A 113 -30.87 -17.55 -16.58
CA ALA A 113 -30.22 -18.78 -16.16
C ALA A 113 -31.15 -19.79 -15.50
N ILE A 114 -32.44 -19.49 -15.41
CA ILE A 114 -33.36 -20.41 -14.74
C ILE A 114 -33.29 -21.84 -15.32
N PRO A 115 -33.33 -22.01 -16.66
CA PRO A 115 -33.28 -23.39 -17.14
C PRO A 115 -31.97 -24.11 -16.79
N PHE A 116 -30.85 -23.39 -16.85
CA PHE A 116 -29.55 -23.91 -16.43
C PHE A 116 -29.62 -24.39 -14.99
N TYR A 117 -30.11 -23.52 -14.11
CA TYR A 117 -30.18 -23.93 -12.70
C TYR A 117 -31.22 -25.03 -12.44
N GLU A 118 -32.34 -25.03 -13.16
CA GLU A 118 -33.31 -26.12 -12.99
C GLU A 118 -32.68 -27.47 -13.41
N SER A 119 -31.77 -27.45 -14.38
CA SER A 119 -31.08 -28.68 -14.82
C SER A 119 -30.15 -29.24 -13.76
N LEU A 120 -29.80 -28.38 -12.80
CA LEU A 120 -29.01 -28.71 -11.62
C LEU A 120 -29.88 -28.95 -10.38
N ASN A 121 -31.19 -29.03 -10.57
CA ASN A 121 -32.18 -29.29 -9.52
C ASN A 121 -32.35 -28.20 -8.48
N PHE A 122 -32.01 -26.96 -8.86
CA PHE A 122 -32.46 -25.80 -8.10
C PHE A 122 -33.92 -25.56 -8.42
N LYS A 123 -34.62 -24.93 -7.48
CA LYS A 123 -36.05 -24.62 -7.62
C LYS A 123 -36.32 -23.16 -7.30
N ARG A 125 -38.25 -19.90 -6.01
CA ARG A 125 -39.05 -19.52 -4.87
C ARG A 125 -39.39 -18.05 -4.94
N GLY A 126 -40.53 -17.65 -4.39
CA GLY A 126 -40.87 -16.25 -4.37
C GLY A 126 -41.23 -15.70 -5.73
N ASN A 127 -40.91 -14.44 -5.93
CA ASN A 127 -41.26 -13.71 -7.16
C ASN A 127 -40.00 -13.01 -7.70
N ILE A 128 -40.12 -12.49 -8.92
CA ILE A 128 -38.98 -11.85 -9.57
C ILE A 128 -38.68 -10.47 -8.98
N PHE A 129 -37.46 -10.06 -9.16
CA PHE A 129 -37.00 -8.76 -8.68
C PHE A 129 -35.81 -8.27 -9.48
N LEU A 130 -35.76 -6.97 -9.64
CA LEU A 130 -34.71 -6.32 -10.39
C LEU A 130 -33.55 -5.94 -9.46
N GLU A 131 -32.33 -6.26 -9.87
CA GLU A 131 -31.13 -5.70 -9.25
C GLU A 131 -30.18 -5.32 -10.35
N GLU A 132 -29.69 -4.08 -10.30
CA GLU A 132 -28.82 -3.55 -11.33
C GLU A 132 -29.40 -3.70 -12.74
N GLY A 133 -30.71 -3.54 -12.86
CA GLY A 133 -31.38 -3.63 -14.13
C GLY A 133 -31.58 -5.01 -14.74
N ILE A 134 -31.26 -6.03 -13.95
CA ILE A 134 -31.32 -7.41 -14.37
C ILE A 134 -32.41 -8.13 -13.53
N GLU A 135 -33.23 -8.92 -14.20
CA GLU A 135 -34.29 -9.71 -13.55
C GLU A 135 -33.68 -10.91 -12.86
N HIS A 136 -34.08 -11.13 -11.63
CA HIS A 136 -33.66 -12.25 -10.80
C HIS A 136 -34.85 -12.98 -10.18
N ILE A 137 -34.60 -14.21 -9.74
CA ILE A 137 -35.52 -14.92 -8.88
C ILE A 137 -34.70 -15.77 -7.91
N GLU A 138 -35.16 -15.90 -6.67
CA GLU A 138 -34.47 -16.78 -5.72
C GLU A 138 -34.65 -18.23 -6.19
N THR A 140 -33.27 -22.31 -4.87
CA THR A 140 -32.73 -23.03 -3.71
C THR A 140 -32.54 -24.49 -4.00
N LYS A 141 -31.71 -25.14 -3.19
N LYS A 141 -31.74 -25.14 -3.18
CA LYS A 141 -31.47 -26.58 -3.26
CA LYS A 141 -31.69 -26.59 -3.12
C LYS A 141 -30.86 -27.07 -1.94
C LYS A 141 -30.92 -27.06 -1.90
N LYS A 142 -31.21 -28.28 -1.50
CA LYS A 142 -30.43 -28.93 -0.49
C LYS A 142 -29.11 -29.43 -1.11
N LEU A 143 -28.10 -29.54 -0.28
CA LEU A 143 -26.78 -29.98 -0.72
C LEU A 143 -26.61 -31.47 -0.44
N THR A 144 -26.26 -32.22 -1.48
CA THR A 144 -26.08 -33.68 -1.38
C THR A 144 -24.84 -34.11 -2.17
N SER B 1 -4.82 26.61 -18.48
CA SER B 1 -4.64 26.34 -17.01
C SER B 1 -4.29 24.87 -16.74
N ASN B 2 -5.29 23.99 -16.73
CA ASN B 2 -5.16 22.54 -16.46
C ASN B 2 -5.87 21.69 -17.57
N ALA B 3 -5.63 22.01 -18.85
CA ALA B 3 -6.49 21.51 -19.94
C ALA B 3 -6.59 19.99 -20.14
N PHE B 5 -6.83 17.74 -17.85
CA PHE B 5 -7.52 17.11 -16.73
C PHE B 5 -8.93 17.60 -16.60
N SER B 6 -9.84 16.67 -16.35
CA SER B 6 -11.26 16.96 -16.20
C SER B 6 -11.81 16.38 -14.91
N LYS B 7 -12.73 17.12 -14.28
CA LYS B 7 -13.52 16.58 -13.19
C LYS B 7 -14.39 15.44 -13.72
N VAL B 8 -14.32 14.32 -13.04
CA VAL B 8 -15.16 13.15 -13.38
C VAL B 8 -16.60 13.48 -13.11
N ASN B 9 -17.45 13.27 -14.13
CA ASN B 9 -18.87 13.59 -14.02
C ASN B 9 -19.81 12.52 -14.56
N ASN B 10 -19.28 11.34 -14.83
CA ASN B 10 -20.11 10.20 -15.25
C ASN B 10 -19.37 8.88 -14.88
N GLN B 11 -20.14 7.79 -15.06
CA GLN B 11 -19.65 6.47 -14.63
C GLN B 11 -18.46 6.01 -15.47
N LYS B 12 -18.49 6.30 -16.78
CA LYS B 12 -17.41 5.90 -17.67
C LYS B 12 -16.08 6.51 -17.24
N LEU B 14 -15.39 7.65 -14.25
CA LEU B 14 -15.04 7.05 -12.96
C LEU B 14 -14.36 5.70 -13.12
N GLU B 15 -14.92 4.87 -14.00
CA GLU B 15 -14.31 3.57 -14.26
C GLU B 15 -12.95 3.66 -14.93
N ASP B 16 -12.73 4.73 -15.70
CA ASP B 16 -11.39 5.02 -16.23
C ASP B 16 -10.41 5.30 -15.09
N CYS B 17 -10.86 6.03 -14.07
CA CYS B 17 -10.03 6.22 -12.88
C CYS B 17 -9.68 4.87 -12.24
N PHE B 18 -10.71 4.04 -12.07
CA PHE B 18 -10.52 2.74 -11.43
C PHE B 18 -9.51 1.88 -12.23
N TYR B 19 -9.53 2.02 -13.55
CA TYR B 19 -8.63 1.26 -14.41
C TYR B 19 -7.18 1.63 -14.11
N ILE B 20 -6.90 2.94 -14.09
CA ILE B 20 -5.55 3.40 -13.79
C ILE B 20 -5.14 2.92 -12.40
N ARG B 21 -6.03 3.13 -11.44
CA ARG B 21 -5.74 2.75 -10.06
C ARG B 21 -5.44 1.24 -9.92
N LYS B 22 -6.17 0.41 -10.63
N LYS B 22 -6.18 0.40 -10.63
CA LYS B 22 -5.90 -1.03 -10.59
CA LYS B 22 -5.88 -1.05 -10.59
C LYS B 22 -4.51 -1.33 -11.20
C LYS B 22 -4.51 -1.33 -11.20
N LYS B 23 -4.22 -0.71 -12.35
CA LYS B 23 -2.93 -0.96 -13.01
C LYS B 23 -1.75 -0.55 -12.14
N VAL B 24 -1.91 0.60 -11.47
CA VAL B 24 -0.81 1.17 -10.69
C VAL B 24 -0.75 0.62 -9.27
N PHE B 25 -1.81 0.81 -8.50
CA PHE B 25 -1.76 0.40 -7.09
C PHE B 25 -1.81 -1.12 -6.90
N VAL B 26 -2.65 -1.80 -7.67
CA VAL B 26 -2.86 -3.24 -7.46
C VAL B 26 -1.80 -4.04 -8.22
N GLU B 27 -1.76 -3.90 -9.52
CA GLU B 27 -0.86 -4.72 -10.31
C GLU B 27 0.61 -4.39 -10.10
N GLU B 28 0.92 -3.09 -10.11
CA GLU B 28 2.31 -2.65 -9.99
C GLU B 28 2.77 -2.63 -8.53
N GLN B 29 1.97 -2.03 -7.65
CA GLN B 29 2.42 -1.83 -6.24
C GLN B 29 1.92 -2.87 -5.23
N GLY B 30 1.05 -3.77 -5.66
CA GLY B 30 0.67 -4.92 -4.84
C GLY B 30 -0.37 -4.68 -3.76
N ILE B 31 -1.08 -3.56 -3.84
CA ILE B 31 -2.24 -3.32 -2.97
C ILE B 31 -3.23 -4.47 -3.28
N PRO B 32 -3.79 -5.12 -2.24
CA PRO B 32 -4.83 -6.12 -2.54
C PRO B 32 -5.99 -5.56 -3.36
N GLU B 33 -6.40 -6.28 -4.39
CA GLU B 33 -7.42 -5.72 -5.29
C GLU B 33 -8.68 -5.35 -4.57
N GLU B 34 -9.10 -6.15 -3.59
N GLU B 34 -9.11 -6.15 -3.60
CA GLU B 34 -10.37 -5.87 -2.91
CA GLU B 34 -10.37 -5.90 -2.89
C GLU B 34 -10.34 -4.58 -2.08
C GLU B 34 -10.34 -4.60 -2.06
N SER B 35 -9.14 -4.06 -1.82
CA SER B 35 -8.97 -2.82 -1.04
C SER B 35 -8.87 -1.56 -1.89
N GLU B 36 -8.72 -1.72 -3.20
CA GLU B 36 -8.47 -0.58 -4.08
C GLU B 36 -9.67 0.38 -4.11
N ILE B 37 -10.84 -0.18 -4.33
CA ILE B 37 -12.08 0.60 -4.35
C ILE B 37 -12.68 0.52 -2.96
N ASP B 38 -13.06 1.67 -2.41
CA ASP B 38 -13.57 1.72 -1.04
C ASP B 38 -14.96 2.34 -1.01
N GLU B 39 -15.44 2.63 0.20
CA GLU B 39 -16.78 3.16 0.39
C GLU B 39 -16.89 4.67 0.23
N TYR B 40 -15.79 5.31 -0.17
CA TYR B 40 -15.69 6.76 -0.28
C TYR B 40 -15.66 7.28 -1.71
N GLU B 41 -15.87 6.42 -2.71
CA GLU B 41 -15.83 6.88 -4.09
C GLU B 41 -16.91 7.90 -4.41
N SER B 42 -18.13 7.68 -3.87
CA SER B 42 -19.24 8.57 -4.16
C SER B 42 -19.06 9.95 -3.55
N GLU B 43 -18.50 10.00 -2.35
CA GLU B 43 -18.35 11.30 -1.68
C GLU B 43 -17.13 12.08 -2.12
N SER B 44 -16.20 11.39 -2.76
CA SER B 44 -15.01 12.03 -3.27
C SER B 44 -15.25 12.67 -4.64
N ILE B 45 -14.34 13.57 -4.98
CA ILE B 45 -14.34 14.27 -6.27
C ILE B 45 -13.10 13.75 -7.02
N HIS B 46 -13.30 13.27 -8.23
CA HIS B 46 -12.24 12.60 -8.97
C HIS B 46 -11.79 13.43 -10.16
N LEU B 47 -10.51 13.30 -10.50
CA LEU B 47 -9.92 13.92 -11.70
C LEU B 47 -9.36 12.84 -12.59
N ILE B 48 -9.47 13.07 -13.89
CA ILE B 48 -8.97 12.12 -14.88
C ILE B 48 -8.25 12.90 -15.96
N GLY B 49 -7.12 12.36 -16.39
CA GLY B 49 -6.38 12.84 -17.56
C GLY B 49 -6.28 11.76 -18.61
N TYR B 50 -6.52 12.14 -19.85
CA TYR B 50 -6.44 11.23 -20.98
C TYR B 50 -5.29 11.64 -21.87
N ASP B 51 -4.72 10.66 -22.57
CA ASP B 51 -3.82 10.92 -23.68
C ASP B 51 -4.27 10.01 -24.81
N ASN B 52 -4.61 10.61 -25.95
CA ASN B 52 -5.09 9.88 -27.13
C ASN B 52 -6.25 8.94 -26.82
N GLY B 53 -7.17 9.44 -26.00
CA GLY B 53 -8.37 8.71 -25.63
C GLY B 53 -8.20 7.63 -24.59
N GLN B 54 -6.98 7.49 -24.08
CA GLN B 54 -6.67 6.46 -23.09
C GLN B 54 -6.46 7.11 -21.75
N PRO B 55 -7.02 6.50 -20.69
CA PRO B 55 -6.88 7.10 -19.37
C PRO B 55 -5.48 6.89 -18.86
N VAL B 56 -4.82 7.99 -18.48
CA VAL B 56 -3.43 7.89 -18.05
C VAL B 56 -3.08 8.47 -16.69
N ALA B 57 -3.96 9.28 -16.12
CA ALA B 57 -3.68 9.89 -14.80
C ALA B 57 -4.93 10.15 -14.04
N THR B 58 -4.88 9.96 -12.73
CA THR B 58 -6.02 10.20 -11.88
C THR B 58 -5.60 10.57 -10.47
N ALA B 59 -6.54 11.19 -9.75
CA ALA B 59 -6.47 11.36 -8.30
C ALA B 59 -7.88 11.57 -7.81
N ARG B 60 -8.05 11.45 -6.50
CA ARG B 60 -9.31 11.84 -5.89
C ARG B 60 -9.08 12.78 -4.73
N ILE B 61 -10.08 13.63 -4.52
N ILE B 61 -10.07 13.65 -4.52
CA ILE B 61 -10.14 14.57 -3.43
CA ILE B 61 -10.08 14.53 -3.35
C ILE B 61 -11.29 14.13 -2.53
C ILE B 61 -11.29 14.15 -2.51
N ARG B 62 -10.99 13.82 -1.27
CA ARG B 62 -11.98 13.32 -0.33
C ARG B 62 -12.17 14.30 0.80
N PRO B 63 -13.30 15.03 0.81
CA PRO B 63 -13.54 15.94 1.91
C PRO B 63 -13.59 15.22 3.25
N ILE B 64 -12.89 15.75 4.25
CA ILE B 64 -12.97 15.19 5.61
C ILE B 64 -13.75 16.09 6.57
N ASN B 65 -13.90 17.34 6.21
CA ASN B 65 -14.71 18.31 6.94
C ASN B 65 -15.01 19.47 6.00
N GLU B 66 -15.51 20.58 6.51
N GLU B 66 -15.52 20.58 6.51
CA GLU B 66 -15.89 21.71 5.65
CA GLU B 66 -15.89 21.71 5.67
C GLU B 66 -14.69 22.42 5.00
C GLU B 66 -14.70 22.42 5.00
N THR B 67 -13.49 22.30 5.57
CA THR B 67 -12.33 23.03 5.08
C THR B 67 -11.23 22.23 4.43
N THR B 68 -11.21 20.93 4.70
CA THR B 68 -10.05 20.09 4.47
C THR B 68 -10.39 18.89 3.61
N VAL B 69 -9.52 18.63 2.64
CA VAL B 69 -9.59 17.44 1.82
C VAL B 69 -8.37 16.56 2.01
N LYS B 70 -8.58 15.27 1.85
CA LYS B 70 -7.49 14.31 1.69
C LYS B 70 -7.27 14.11 0.20
N ILE B 71 -6.03 14.12 -0.23
CA ILE B 71 -5.69 13.81 -1.62
C ILE B 71 -5.28 12.34 -1.62
N GLU B 72 -5.89 11.57 -2.52
CA GLU B 72 -5.73 10.14 -2.53
C GLU B 72 -5.62 9.61 -3.94
N ARG B 73 -5.11 8.38 -4.06
CA ARG B 73 -5.11 7.64 -5.35
C ARG B 73 -4.37 8.37 -6.48
N VAL B 74 -3.30 9.07 -6.13
CA VAL B 74 -2.53 9.86 -7.11
C VAL B 74 -1.72 8.87 -7.97
N ALA B 75 -2.03 8.82 -9.26
CA ALA B 75 -1.40 7.83 -10.14
C ALA B 75 -1.31 8.28 -11.56
N VAL B 76 -0.15 8.01 -12.15
CA VAL B 76 0.09 8.20 -13.58
C VAL B 76 0.52 6.82 -14.11
N LYS B 78 2.50 4.03 -15.92
CA LYS B 78 3.98 3.93 -15.99
C LYS B 78 4.48 4.47 -17.34
N SER B 79 3.71 4.16 -18.39
CA SER B 79 3.98 4.59 -19.76
C SER B 79 4.13 6.10 -19.94
N HIS B 80 3.49 6.86 -19.05
CA HIS B 80 3.39 8.32 -19.18
C HIS B 80 4.10 9.10 -18.08
N ARG B 81 4.91 8.40 -17.27
CA ARG B 81 5.67 9.06 -16.21
C ARG B 81 6.91 9.78 -16.74
N GLY B 82 7.40 10.72 -15.94
CA GLY B 82 8.64 11.43 -16.25
C GLY B 82 8.55 12.46 -17.35
N GLN B 83 7.32 12.91 -17.65
CA GLN B 83 7.11 13.92 -18.68
C GLN B 83 6.22 15.06 -18.19
N GLY B 84 6.14 15.22 -16.88
CA GLY B 84 5.41 16.36 -16.28
C GLY B 84 3.93 16.15 -16.01
N GLY B 86 2.42 14.04 -13.83
CA GLY B 86 2.12 14.03 -12.40
C GLY B 86 2.04 15.43 -11.81
N ARG B 87 2.97 16.29 -12.22
N ARG B 87 2.98 16.28 -12.21
CA ARG B 87 2.96 17.67 -11.76
CA ARG B 87 2.97 17.66 -11.77
C ARG B 87 1.66 18.37 -12.22
C ARG B 87 1.70 18.38 -12.23
N LEU B 89 -1.12 16.96 -12.99
CA LEU B 89 -2.21 16.33 -12.23
C LEU B 89 -2.37 17.02 -10.89
N GLN B 91 -1.28 19.94 -9.88
CA GLN B 91 -1.74 21.32 -10.04
C GLN B 91 -3.26 21.39 -10.26
N ALA B 92 -3.77 20.46 -11.06
CA ALA B 92 -5.20 20.36 -11.31
C ALA B 92 -5.98 19.94 -10.05
N VAL B 93 -5.39 19.04 -9.25
CA VAL B 93 -6.02 18.63 -7.99
C VAL B 93 -6.19 19.84 -7.06
N GLU B 94 -5.12 20.61 -6.91
N GLU B 94 -5.12 20.61 -6.91
CA GLU B 94 -5.16 21.78 -6.01
CA GLU B 94 -5.16 21.77 -6.00
C GLU B 94 -6.19 22.80 -6.46
C GLU B 94 -6.17 22.81 -6.48
N SER B 95 -6.19 23.07 -7.77
N SER B 95 -6.17 23.06 -7.78
CA SER B 95 -7.14 24.01 -8.34
CA SER B 95 -7.11 24.01 -8.36
C SER B 95 -8.58 23.56 -8.16
C SER B 95 -8.56 23.56 -8.17
N LEU B 96 -8.82 22.28 -8.42
CA LEU B 96 -10.17 21.72 -8.25
C LEU B 96 -10.63 21.79 -6.81
N ALA B 97 -9.75 21.42 -5.88
CA ALA B 97 -10.12 21.45 -4.47
C ALA B 97 -10.47 22.86 -4.01
N LYS B 98 -9.68 23.83 -4.46
CA LYS B 98 -9.99 25.24 -4.15
C LYS B 98 -11.33 25.67 -4.79
N ASP B 99 -11.52 25.28 -6.04
CA ASP B 99 -12.79 25.60 -6.74
C ASP B 99 -14.01 25.02 -6.03
N GLU B 100 -13.82 23.84 -5.45
CA GLU B 100 -14.88 23.13 -4.71
C GLU B 100 -15.14 23.65 -3.31
N GLY B 101 -14.37 24.66 -2.90
CA GLY B 101 -14.62 25.40 -1.67
C GLY B 101 -13.79 25.01 -0.47
N PHE B 102 -12.69 24.30 -0.70
CA PHE B 102 -11.81 23.88 0.38
C PHE B 102 -10.61 24.78 0.51
N TYR B 103 -9.94 24.63 1.65
CA TYR B 103 -8.87 25.55 2.06
C TYR B 103 -7.53 24.87 2.35
N VAL B 104 -7.57 23.61 2.75
N VAL B 104 -7.57 23.62 2.77
CA VAL B 104 -6.41 22.87 3.19
CA VAL B 104 -6.35 22.91 3.15
C VAL B 104 -6.45 21.47 2.63
C VAL B 104 -6.44 21.47 2.65
N ALA B 105 -5.28 20.92 2.33
CA ALA B 105 -5.15 19.55 1.87
C ALA B 105 -4.15 18.79 2.73
N THR B 106 -4.48 17.53 3.00
N THR B 106 -4.48 17.54 3.01
CA THR B 106 -3.55 16.60 3.61
CA THR B 106 -3.52 16.60 3.59
C THR B 106 -3.50 15.35 2.74
C THR B 106 -3.49 15.35 2.74
N ASN B 108 -1.49 11.21 2.68
CA ASN B 108 -0.55 10.21 3.20
C ASN B 108 0.32 9.80 2.02
N ALA B 109 1.41 10.54 1.87
CA ALA B 109 2.28 10.39 0.69
C ALA B 109 3.17 9.20 0.81
N GLN B 110 3.30 8.43 -0.27
CA GLN B 110 4.37 7.43 -0.28
C GLN B 110 5.72 8.13 -0.21
N CYS B 111 6.63 7.59 0.60
CA CYS B 111 7.88 8.31 0.86
C CYS B 111 8.72 8.56 -0.40
N HIS B 112 8.62 7.67 -1.40
CA HIS B 112 9.43 7.88 -2.63
C HIS B 112 9.05 9.15 -3.35
N ALA B 113 7.81 9.61 -3.09
CA ALA B 113 7.29 10.82 -3.72
C ALA B 113 7.51 12.11 -2.93
N ILE B 114 8.23 12.05 -1.81
CA ILE B 114 8.47 13.24 -1.00
C ILE B 114 9.07 14.40 -1.80
N PRO B 115 10.16 14.16 -2.54
CA PRO B 115 10.73 15.29 -3.28
C PRO B 115 9.78 15.90 -4.30
N PHE B 116 9.03 15.05 -4.98
CA PHE B 116 8.00 15.50 -5.92
C PHE B 116 7.01 16.40 -5.19
N TYR B 117 6.48 15.93 -4.07
CA TYR B 117 5.48 16.73 -3.34
C TYR B 117 6.08 17.99 -2.72
N GLU B 118 7.32 17.92 -2.25
CA GLU B 118 7.98 19.15 -1.75
C GLU B 118 8.09 20.19 -2.86
N SER B 119 8.31 19.76 -4.09
CA SER B 119 8.42 20.70 -5.23
C SER B 119 7.09 21.41 -5.52
N LEU B 120 6.01 20.82 -5.01
CA LEU B 120 4.66 21.37 -5.09
C LEU B 120 4.28 22.09 -3.79
N ASN B 121 5.26 22.28 -2.90
CA ASN B 121 5.09 23.01 -1.64
C ASN B 121 4.23 22.31 -0.59
N PHE B 122 4.12 21.00 -0.70
CA PHE B 122 3.66 20.21 0.42
C PHE B 122 4.78 20.10 1.45
N LYS B 123 4.41 19.90 2.71
CA LYS B 123 5.37 19.77 3.82
C LYS B 123 5.07 18.53 4.64
N ARG B 125 4.77 16.12 7.83
CA ARG B 125 4.33 16.25 9.22
C ARG B 125 4.38 14.88 9.87
N GLY B 126 4.60 14.84 11.18
CA GLY B 126 4.58 13.57 11.88
C GLY B 126 5.77 12.69 11.57
N ASN B 127 5.51 11.39 11.57
CA ASN B 127 6.53 10.39 11.35
C ASN B 127 6.06 9.38 10.31
N ILE B 128 6.99 8.56 9.85
CA ILE B 128 6.65 7.59 8.81
C ILE B 128 5.82 6.44 9.34
N PHE B 129 5.11 5.81 8.40
CA PHE B 129 4.26 4.69 8.74
C PHE B 129 4.08 3.80 7.52
N LEU B 130 3.95 2.51 7.77
CA LEU B 130 3.76 1.52 6.73
C LEU B 130 2.26 1.28 6.53
N GLU B 131 1.85 1.27 5.27
CA GLU B 131 0.54 0.76 4.89
C GLU B 131 0.73 -0.09 3.65
N GLU B 132 0.17 -1.30 3.68
CA GLU B 132 0.31 -2.25 2.58
C GLU B 132 1.77 -2.45 2.17
N GLY B 133 2.65 -2.46 3.16
CA GLY B 133 4.08 -2.66 2.92
C GLY B 133 4.88 -1.53 2.33
N ILE B 134 4.25 -0.37 2.23
CA ILE B 134 4.82 0.79 1.62
C ILE B 134 4.98 1.87 2.69
N GLU B 135 6.14 2.52 2.68
CA GLU B 135 6.41 3.63 3.59
C GLU B 135 5.69 4.88 3.15
N HIS B 136 5.06 5.54 4.11
CA HIS B 136 4.34 6.80 3.91
C HIS B 136 4.73 7.84 4.95
N ILE B 137 4.44 9.10 4.63
CA ILE B 137 4.45 10.19 5.62
C ILE B 137 3.34 11.17 5.27
N GLU B 138 2.69 11.74 6.28
CA GLU B 138 1.69 12.75 6.02
C GLU B 138 2.38 14.01 5.46
N THR B 140 1.17 18.09 3.93
CA THR B 140 0.05 19.02 3.95
C THR B 140 0.39 20.30 3.22
N LYS B 141 -0.66 21.03 2.83
N LYS B 141 -0.65 21.03 2.84
CA LYS B 141 -0.54 22.34 2.18
CA LYS B 141 -0.49 22.41 2.40
C LYS B 141 -1.84 23.10 2.32
C LYS B 141 -1.84 23.12 2.37
N LYS B 142 -1.76 24.43 2.45
CA LYS B 142 -2.94 25.26 2.21
C LYS B 142 -3.16 25.34 0.69
N LEU B 143 -4.42 25.51 0.32
CA LEU B 143 -4.82 25.58 -1.08
C LEU B 143 -4.88 27.04 -1.49
N THR B 144 -4.16 27.37 -2.55
CA THR B 144 -4.11 28.75 -3.11
C THR B 144 -4.28 28.71 -4.63
N SER C 1 37.81 24.87 22.89
CA SER C 1 37.08 24.61 21.61
C SER C 1 35.79 23.84 21.82
N ASN C 2 34.80 24.10 20.97
CA ASN C 2 33.71 23.13 20.79
C ASN C 2 34.24 21.78 20.28
N ALA C 3 33.50 20.69 20.52
CA ALA C 3 33.60 19.48 19.70
C ALA C 3 33.26 19.86 18.28
N PHE C 5 32.07 18.17 14.54
N PHE C 5 32.22 18.26 14.40
CA PHE C 5 31.64 17.01 13.75
CA PHE C 5 31.72 17.12 13.68
C PHE C 5 31.84 17.32 12.27
C PHE C 5 31.93 17.38 12.21
N SER C 6 32.47 16.39 11.54
CA SER C 6 32.81 16.56 10.13
C SER C 6 32.50 15.31 9.32
N LYS C 7 32.03 15.52 8.11
CA LYS C 7 31.85 14.45 7.15
C LYS C 7 33.20 13.82 6.77
N VAL C 8 33.26 12.50 6.91
CA VAL C 8 34.47 11.76 6.58
C VAL C 8 34.68 11.85 5.07
N ASN C 9 35.85 12.29 4.68
CA ASN C 9 36.14 12.40 3.23
C ASN C 9 37.56 11.94 2.86
N ASN C 10 38.16 11.17 3.76
CA ASN C 10 39.42 10.50 3.46
C ASN C 10 39.57 9.25 4.32
N GLN C 11 40.57 8.44 4.00
CA GLN C 11 40.77 7.18 4.69
C GLN C 11 41.16 7.38 6.14
N LYS C 12 41.99 8.37 6.44
CA LYS C 12 42.42 8.58 7.86
C LYS C 12 41.23 8.95 8.77
N LEU C 14 38.16 8.03 8.17
CA LEU C 14 37.41 6.78 8.26
C LEU C 14 38.01 5.87 9.31
N GLU C 15 39.34 5.78 9.32
CA GLU C 15 40.04 5.01 10.37
C GLU C 15 39.77 5.47 11.78
N ASP C 16 39.59 6.77 11.95
CA ASP C 16 39.21 7.32 13.26
C ASP C 16 37.81 6.78 13.66
N CYS C 17 36.91 6.70 12.69
CA CYS C 17 35.60 6.12 12.94
C CYS C 17 35.74 4.65 13.35
N PHE C 18 36.53 3.92 12.59
CA PHE C 18 36.75 2.50 12.88
C PHE C 18 37.34 2.29 14.26
N TYR C 19 38.23 3.19 14.68
CA TYR C 19 38.86 3.11 16.01
C TYR C 19 37.79 3.17 17.10
N ILE C 20 36.91 4.16 17.00
CA ILE C 20 35.85 4.33 18.01
C ILE C 20 34.94 3.10 17.98
N ARG C 21 34.57 2.69 16.77
CA ARG C 21 33.67 1.55 16.61
C ARG C 21 34.27 0.27 17.21
N LYS C 22 35.56 0.05 17.01
CA LYS C 22 36.20 -1.15 17.61
C LYS C 22 36.18 -1.05 19.14
N LYS C 23 36.53 0.12 19.67
CA LYS C 23 36.56 0.31 21.14
C LYS C 23 35.16 0.07 21.75
N VAL C 24 34.15 0.58 21.08
CA VAL C 24 32.79 0.54 21.64
C VAL C 24 32.06 -0.77 21.27
N PHE C 25 31.90 -1.06 20.00
CA PHE C 25 31.08 -2.23 19.60
C PHE C 25 31.79 -3.56 19.82
N VAL C 26 33.07 -3.62 19.53
CA VAL C 26 33.80 -4.87 19.65
C VAL C 26 34.27 -5.10 21.08
N GLU C 27 35.12 -4.20 21.57
CA GLU C 27 35.73 -4.42 22.88
C GLU C 27 34.73 -4.32 24.04
N GLU C 28 33.88 -3.31 23.99
CA GLU C 28 32.93 -3.06 25.08
C GLU C 28 31.67 -3.92 24.94
N GLN C 29 31.09 -3.96 23.74
CA GLN C 29 29.78 -4.65 23.55
C GLN C 29 29.85 -6.06 23.00
N GLY C 30 31.04 -6.51 22.62
CA GLY C 30 31.25 -7.90 22.24
C GLY C 30 30.83 -8.33 20.83
N ILE C 31 30.62 -7.35 19.95
CA ILE C 31 30.35 -7.63 18.53
C ILE C 31 31.62 -8.32 18.02
N PRO C 32 31.48 -9.41 17.27
CA PRO C 32 32.70 -10.07 16.78
C PRO C 32 33.51 -9.11 15.92
N GLU C 33 34.82 -9.09 16.12
CA GLU C 33 35.65 -8.11 15.43
C GLU C 33 35.50 -8.20 13.92
N GLU C 34 35.40 -9.41 13.39
CA GLU C 34 35.29 -9.59 11.94
C GLU C 34 33.99 -9.06 11.33
N SER C 35 32.98 -8.81 12.17
CA SER C 35 31.70 -8.29 11.74
C SER C 35 31.58 -6.77 11.84
N GLU C 36 32.53 -6.12 12.50
CA GLU C 36 32.44 -4.67 12.76
C GLU C 36 32.45 -3.85 11.47
N ILE C 37 33.46 -4.11 10.65
CA ILE C 37 33.61 -3.47 9.36
C ILE C 37 32.94 -4.36 8.34
N ASP C 38 32.06 -3.76 7.54
CA ASP C 38 31.26 -4.53 6.59
C ASP C 38 31.45 -4.04 5.16
N GLU C 39 30.64 -4.54 4.24
CA GLU C 39 30.78 -4.21 2.81
C GLU C 39 30.07 -2.92 2.41
N TYR C 40 29.57 -2.17 3.40
CA TYR C 40 28.78 -0.96 3.16
C TYR C 40 29.51 0.32 3.55
N GLU C 41 30.80 0.22 3.90
CA GLU C 41 31.52 1.41 4.35
C GLU C 41 31.64 2.47 3.24
N SER C 42 31.92 2.04 2.04
N SER C 42 31.94 2.10 2.00
CA SER C 42 32.15 2.99 0.96
CA SER C 42 32.09 3.12 0.94
C SER C 42 30.85 3.67 0.50
C SER C 42 30.72 3.70 0.51
N GLU C 43 29.72 2.95 0.52
N GLU C 43 29.71 2.85 0.50
CA GLU C 43 28.46 3.58 0.08
CA GLU C 43 28.32 3.24 0.21
C GLU C 43 27.80 4.42 1.16
C GLU C 43 27.80 4.33 1.15
N SER C 44 28.19 4.19 2.41
CA SER C 44 27.72 5.00 3.49
C SER C 44 28.44 6.33 3.57
N ILE C 45 27.81 7.26 4.30
CA ILE C 45 28.39 8.56 4.59
C ILE C 45 28.67 8.57 6.10
N HIS C 46 29.90 8.86 6.46
CA HIS C 46 30.33 8.79 7.87
C HIS C 46 30.54 10.15 8.47
N LEU C 47 30.30 10.23 9.78
CA LEU C 47 30.56 11.43 10.54
C LEU C 47 31.56 11.10 11.63
N ILE C 48 32.51 12.00 11.83
CA ILE C 48 33.48 11.88 12.91
C ILE C 48 33.44 13.13 13.77
N GLY C 49 33.44 12.94 15.08
CA GLY C 49 33.55 14.03 16.04
C GLY C 49 34.86 13.99 16.76
N TYR C 50 35.53 15.15 16.79
CA TYR C 50 36.79 15.31 17.48
C TYR C 50 36.60 16.26 18.66
N ASP C 51 37.31 15.95 19.74
CA ASP C 51 37.39 16.81 20.92
C ASP C 51 38.84 16.81 21.35
N ASN C 52 39.39 18.01 21.47
CA ASN C 52 40.81 18.19 21.81
C ASN C 52 41.70 17.36 20.87
N GLY C 53 41.30 17.31 19.60
CA GLY C 53 42.05 16.63 18.55
C GLY C 53 41.92 15.12 18.50
N GLN C 54 41.10 14.55 19.38
CA GLN C 54 40.98 13.10 19.49
C GLN C 54 39.61 12.66 19.00
N PRO C 55 39.52 11.51 18.32
CA PRO C 55 38.25 11.03 17.89
C PRO C 55 37.43 10.54 19.07
N VAL C 56 36.23 11.08 19.22
CA VAL C 56 35.40 10.73 20.35
C VAL C 56 33.98 10.26 20.03
N ALA C 57 33.52 10.48 18.81
CA ALA C 57 32.18 10.11 18.44
C ALA C 57 32.07 9.86 16.96
N THR C 58 31.21 8.92 16.59
CA THR C 58 30.97 8.62 15.19
C THR C 58 29.61 8.04 14.96
N ALA C 59 29.21 8.10 13.68
CA ALA C 59 28.03 7.40 13.18
C ALA C 59 28.17 7.27 11.70
N ARG C 60 27.35 6.41 11.10
CA ARG C 60 27.26 6.39 9.63
C ARG C 60 25.82 6.44 9.19
N ILE C 61 25.67 6.99 8.00
N ILE C 61 25.59 7.05 8.04
CA ILE C 61 24.40 7.16 7.35
CA ILE C 61 24.26 7.05 7.42
C ILE C 61 24.46 6.29 6.09
C ILE C 61 24.40 6.31 6.11
N ARG C 62 23.57 5.30 6.00
CA ARG C 62 23.61 4.37 4.89
C ARG C 62 22.34 4.55 4.05
N PRO C 63 22.45 5.15 2.85
CA PRO C 63 21.26 5.26 2.02
C PRO C 63 20.69 3.90 1.65
N ILE C 64 19.36 3.77 1.79
CA ILE C 64 18.67 2.56 1.37
C ILE C 64 17.80 2.78 0.13
N ASN C 65 17.50 4.03 -0.16
CA ASN C 65 16.79 4.42 -1.40
C ASN C 65 17.03 5.92 -1.60
N GLU C 66 16.30 6.57 -2.50
N GLU C 66 16.31 6.58 -2.51
CA GLU C 66 16.52 7.98 -2.79
CA GLU C 66 16.57 7.98 -2.78
C GLU C 66 16.14 8.91 -1.64
C GLU C 66 16.16 8.92 -1.64
N THR C 67 15.25 8.49 -0.75
CA THR C 67 14.76 9.34 0.32
C THR C 67 15.18 9.02 1.74
N THR C 68 15.64 7.80 1.94
CA THR C 68 15.72 7.22 3.27
C THR C 68 17.14 6.72 3.55
N VAL C 69 17.61 7.04 4.76
CA VAL C 69 18.87 6.52 5.27
C VAL C 69 18.65 5.67 6.51
N LYS C 70 19.54 4.69 6.69
N LYS C 70 19.54 4.69 6.67
CA LYS C 70 19.63 3.92 7.92
CA LYS C 70 19.69 3.95 7.91
C LYS C 70 20.80 4.50 8.72
C LYS C 70 20.80 4.62 8.70
N ILE C 71 20.55 4.88 9.97
CA ILE C 71 21.58 5.41 10.86
C ILE C 71 22.19 4.22 11.58
N GLU C 72 23.51 4.12 11.53
CA GLU C 72 24.23 2.97 12.05
C GLU C 72 25.48 3.39 12.81
N ARG C 73 26.00 2.45 13.60
CA ARG C 73 27.31 2.63 14.25
C ARG C 73 27.42 3.87 15.15
N VAL C 74 26.32 4.21 15.81
CA VAL C 74 26.28 5.39 16.67
C VAL C 74 27.05 5.09 17.94
N ALA C 75 28.13 5.82 18.16
CA ALA C 75 29.01 5.54 19.30
C ALA C 75 29.75 6.78 19.79
N VAL C 76 29.78 6.92 21.10
CA VAL C 76 30.57 7.93 21.78
C VAL C 76 31.54 7.18 22.70
N LYS C 78 33.58 6.02 25.78
CA LYS C 78 33.04 5.94 27.14
C LYS C 78 33.45 7.16 27.97
N SER C 79 34.68 7.62 27.73
CA SER C 79 35.28 8.82 28.37
C SER C 79 34.46 10.10 28.21
N HIS C 80 33.68 10.15 27.12
CA HIS C 80 32.94 11.36 26.74
C HIS C 80 31.44 11.22 26.80
N ARG C 81 30.93 10.17 27.42
CA ARG C 81 29.48 9.98 27.56
C ARG C 81 28.88 10.81 28.69
N GLY C 82 27.57 11.05 28.59
CA GLY C 82 26.82 11.72 29.66
C GLY C 82 27.07 13.21 29.77
N GLN C 83 27.57 13.81 28.68
CA GLN C 83 27.86 15.25 28.65
C GLN C 83 27.29 15.95 27.42
N GLY C 84 26.32 15.30 26.78
CA GLY C 84 25.67 15.89 25.60
C GLY C 84 26.28 15.61 24.23
N GLY C 86 26.56 12.69 22.55
CA GLY C 86 25.70 11.87 21.74
C GLY C 86 24.60 12.70 21.11
N ARG C 87 24.04 13.59 21.90
CA ARG C 87 23.05 14.49 21.34
CA ARG C 87 23.04 14.50 21.34
C ARG C 87 23.55 15.37 20.15
N LEU C 89 26.16 14.70 18.37
CA LEU C 89 26.43 13.73 17.27
C LEU C 89 25.17 13.50 16.43
N GLN C 91 22.41 15.27 16.28
CA GLN C 91 22.01 16.48 15.59
C GLN C 91 22.83 16.68 14.30
N ALA C 92 24.12 16.41 14.38
CA ALA C 92 25.02 16.49 13.22
C ALA C 92 24.71 15.43 12.17
N VAL C 93 24.32 14.23 12.62
CA VAL C 93 23.88 13.17 11.71
C VAL C 93 22.66 13.61 10.90
N GLU C 94 21.65 14.10 11.61
N GLU C 94 21.71 14.22 11.60
CA GLU C 94 20.40 14.51 10.98
CA GLU C 94 20.52 14.73 10.96
C GLU C 94 20.65 15.60 9.97
C GLU C 94 20.82 15.89 10.00
N SER C 95 21.46 16.57 10.37
N SER C 95 21.67 16.84 10.39
CA SER C 95 21.81 17.70 9.49
CA SER C 95 21.99 17.92 9.46
C SER C 95 22.58 17.26 8.24
C SER C 95 22.69 17.34 8.22
N LEU C 96 23.57 16.37 8.42
CA LEU C 96 24.31 15.82 7.30
C LEU C 96 23.41 15.05 6.35
N ALA C 97 22.53 14.22 6.90
CA ALA C 97 21.62 13.45 6.07
C ALA C 97 20.72 14.36 5.24
N LYS C 98 20.21 15.41 5.85
CA LYS C 98 19.37 16.38 5.13
C LYS C 98 20.20 17.10 4.06
N ASP C 99 21.41 17.50 4.42
CA ASP C 99 22.33 18.16 3.45
C ASP C 99 22.63 17.26 2.23
N GLU C 100 22.72 15.96 2.48
CA GLU C 100 22.98 14.95 1.43
C GLU C 100 21.78 14.57 0.60
N GLY C 101 20.63 15.19 0.89
CA GLY C 101 19.46 15.10 0.06
C GLY C 101 18.43 14.07 0.49
N PHE C 102 18.50 13.62 1.75
CA PHE C 102 17.55 12.66 2.28
C PHE C 102 16.47 13.32 3.13
N TYR C 103 15.40 12.56 3.37
CA TYR C 103 14.19 13.07 3.99
C TYR C 103 13.73 12.32 5.24
N VAL C 104 14.12 11.06 5.33
N VAL C 104 14.09 11.05 5.33
CA VAL C 104 13.64 10.16 6.38
CA VAL C 104 13.68 10.27 6.47
C VAL C 104 14.80 9.33 6.88
C VAL C 104 14.82 9.34 6.90
N ALA C 105 14.81 9.02 8.18
CA ALA C 105 15.81 8.16 8.77
C ALA C 105 15.13 7.02 9.52
N THR C 106 15.72 5.85 9.40
N THR C 106 15.72 5.85 9.43
CA THR C 106 15.37 4.72 10.24
CA THR C 106 15.33 4.72 10.26
C THR C 106 16.64 4.18 10.87
C THR C 106 16.59 4.17 10.87
N ASN C 108 18.01 0.77 13.65
CA ASN C 108 17.77 -0.36 14.54
C ASN C 108 18.47 -0.03 15.86
N ALA C 109 17.73 0.62 16.74
CA ALA C 109 18.29 1.14 18.00
C ALA C 109 18.42 0.05 19.03
N GLN C 110 19.54 0.01 19.74
CA GLN C 110 19.63 -0.80 20.91
C GLN C 110 18.59 -0.31 21.94
N CYS C 111 17.88 -1.23 22.56
CA CYS C 111 16.78 -0.86 23.45
C CYS C 111 17.23 0.02 24.60
N HIS C 112 18.45 -0.16 25.12
CA HIS C 112 18.88 0.67 26.24
C HIS C 112 18.92 2.14 25.89
N ALA C 113 19.04 2.43 24.59
CA ALA C 113 19.11 3.79 24.08
C ALA C 113 17.77 4.41 23.67
N ILE C 114 16.67 3.70 23.90
CA ILE C 114 15.36 4.21 23.52
C ILE C 114 15.11 5.63 24.11
N PRO C 115 15.35 5.82 25.41
CA PRO C 115 15.03 7.16 25.94
C PRO C 115 15.90 8.26 25.31
N PHE C 116 17.18 7.94 25.07
CA PHE C 116 18.07 8.87 24.36
C PHE C 116 17.51 9.25 23.00
N TYR C 117 17.14 8.24 22.22
CA TYR C 117 16.58 8.55 20.89
C TYR C 117 15.20 9.21 20.95
N GLU C 118 14.36 8.86 21.94
CA GLU C 118 13.08 9.57 22.08
C GLU C 118 13.31 11.06 22.38
N SER C 119 14.38 11.39 23.10
CA SER C 119 14.69 12.78 23.39
C SER C 119 15.08 13.57 22.14
N LEU C 120 15.48 12.83 21.10
CA LEU C 120 15.76 13.38 19.78
C LEU C 120 14.60 13.24 18.79
N ASN C 121 13.43 12.86 19.32
CA ASN C 121 12.17 12.76 18.54
C ASN C 121 12.15 11.63 17.53
N PHE C 122 12.96 10.61 17.77
CA PHE C 122 12.75 9.33 17.11
C PHE C 122 11.59 8.61 17.79
N LYS C 123 10.92 7.75 17.02
CA LYS C 123 9.77 6.99 17.49
C LYS C 123 9.93 5.51 17.18
N ARG C 125 8.97 1.73 16.24
CA ARG C 125 8.08 1.06 15.30
C ARG C 125 8.30 -0.44 15.38
N GLY C 126 7.26 -1.21 15.09
CA GLY C 126 7.41 -2.64 15.07
C GLY C 126 7.62 -3.23 16.44
N ASN C 127 8.42 -4.29 16.48
CA ASN C 127 8.64 -5.04 17.70
C ASN C 127 10.13 -5.26 17.92
N ILE C 128 10.48 -5.74 19.11
CA ILE C 128 11.89 -5.93 19.43
C ILE C 128 12.49 -7.14 18.74
N PHE C 129 13.82 -7.12 18.62
CA PHE C 129 14.57 -8.20 17.99
C PHE C 129 16.01 -8.23 18.48
N LEU C 130 16.56 -9.43 18.56
CA LEU C 130 17.92 -9.62 19.02
C LEU C 130 18.87 -9.62 17.82
N GLU C 131 19.95 -8.87 17.95
CA GLU C 131 21.11 -9.02 17.06
C GLU C 131 22.39 -8.99 17.89
N GLU C 132 23.28 -9.95 17.65
CA GLU C 132 24.52 -10.07 18.43
C GLU C 132 24.24 -10.07 19.94
N GLY C 133 23.13 -10.69 20.34
CA GLY C 133 22.79 -10.82 21.75
C GLY C 133 22.24 -9.59 22.42
N ILE C 134 21.99 -8.56 21.62
CA ILE C 134 21.55 -7.27 22.12
C ILE C 134 20.13 -7.02 21.61
N GLU C 135 19.26 -6.55 22.50
CA GLU C 135 17.90 -6.20 22.13
C GLU C 135 17.87 -4.88 21.37
N HIS C 136 17.12 -4.87 20.28
CA HIS C 136 16.92 -3.71 19.42
C HIS C 136 15.44 -3.47 19.14
N ILE C 137 15.13 -2.26 18.70
CA ILE C 137 13.85 -1.93 18.12
C ILE C 137 14.06 -0.88 17.04
N GLU C 138 13.30 -0.97 15.95
CA GLU C 138 13.39 0.07 14.92
C GLU C 138 12.86 1.38 15.46
N THR C 140 12.37 5.63 14.02
CA THR C 140 12.32 6.42 12.81
C THR C 140 12.06 7.90 13.09
N LYS C 141 12.40 8.74 12.12
N LYS C 141 12.41 8.75 12.14
CA LYS C 141 12.16 10.17 12.19
CA LYS C 141 11.97 10.13 12.15
C LYS C 141 12.24 10.78 10.79
C LYS C 141 12.22 10.78 10.79
N LYS C 142 11.42 11.79 10.50
CA LYS C 142 11.67 12.63 9.35
C LYS C 142 12.85 13.56 9.66
N LEU C 143 13.53 13.98 8.60
CA LEU C 143 14.70 14.83 8.74
C LEU C 143 14.28 16.27 8.49
N THR C 144 14.58 17.15 9.44
CA THR C 144 14.27 18.60 9.36
C THR C 144 15.45 19.46 9.79
#